data_5QBL
#
_entry.id   5QBL
#
_cell.length_a   45.479
_cell.length_b   73.724
_cell.length_c   53.340
_cell.angle_alpha   90.000
_cell.angle_beta   110.230
_cell.angle_gamma   90.000
#
_symmetry.space_group_name_H-M   'P 1 21 1'
#
loop_
_entity.id
_entity.type
_entity.pdbx_description
1 polymer Endothiapepsin
2 non-polymer GLYCEROL
3 non-polymer 1,2-ETHANEDIOL
4 non-polymer 'DIMETHYL SULFOXIDE'
5 non-polymer (1S,2S,3S,4R,5R)-2-({[5-(hydroxymethyl)furan-2-yl]methyl}amino)-4-(morpholin-4-yl)-6,8-dioxabicyclo[3.2.1]octan-3-ol
6 non-polymer 'ACETATE ION'
7 water water
#
_entity_poly.entity_id   1
_entity_poly.type   'polypeptide(L)'
_entity_poly.pdbx_seq_one_letter_code
;STGSATTTPIDSLDDAYITPVQIGTPAQTLNLDFDTGSSDLWVFSSETTASEVDGQTIYTPSKSTTAKLLSGATWSISYG
DGSSSSGDVYTDTVSVGGLTVTGQAVESAKKVSSSFTEDSTIDGLLGLAFSTLNTVSPTQQKTFFDNAKASLDSPVFTAD
LGYHAPGTYNFGFIDTTAYTGSITYTAVSTKQGFWEWTSTGYAVGSGTFKSTSIDGIADTGTTLLYLPATVVSAYWAQVS
GAKSSSSVGGYVFPCSATLPSFTFGVGSARIVIPGDYIDFGPISTGSSSCFGGIQSSAGIGINIFGDVALKAAFVVFNGA
TTPTLGFASK
;
_entity_poly.pdbx_strand_id   A
#
loop_
_chem_comp.id
_chem_comp.type
_chem_comp.name
_chem_comp.formula
ACT non-polymer 'ACETATE ION' 'C2 H3 O2 -1'
D9D non-polymer (1S,2S,3S,4R,5R)-2-({[5-(hydroxymethyl)furan-2-yl]methyl}amino)-4-(morpholin-4-yl)-6,8-dioxabicyclo[3.2.1]octan-3-ol 'C16 H24 N2 O6'
DMS non-polymer 'DIMETHYL SULFOXIDE' 'C2 H6 O S'
EDO non-polymer 1,2-ETHANEDIOL 'C2 H6 O2'
GOL non-polymer GLYCEROL 'C3 H8 O3'
#
# COMPACT_ATOMS: atom_id res chain seq x y z
N SER A 1 5.56 14.71 18.62
N SER A 1 5.67 14.67 18.61
CA SER A 1 5.79 15.17 17.24
CA SER A 1 5.82 15.13 17.23
C SER A 1 4.82 14.51 16.28
C SER A 1 4.73 14.58 16.34
N THR A 2 4.53 15.19 15.18
CA THR A 2 3.64 14.66 14.15
C THR A 2 4.24 14.89 12.77
N GLY A 3 3.67 14.23 11.77
CA GLY A 3 4.01 14.50 10.39
C GLY A 3 2.75 14.36 9.55
N SER A 4 2.71 15.08 8.43
CA SER A 4 1.59 15.02 7.51
C SER A 4 2.09 15.22 6.09
N ALA A 5 1.82 14.27 5.21
CA ALA A 5 2.26 14.37 3.82
C ALA A 5 1.15 14.00 2.85
N THR A 6 1.11 14.70 1.73
CA THR A 6 0.15 14.42 0.69
C THR A 6 0.59 13.24 -0.16
N THR A 7 -0.34 12.31 -0.41
CA THR A 7 -0.04 11.19 -1.27
C THR A 7 -0.89 11.30 -2.54
N THR A 8 -0.28 10.94 -3.68
CA THR A 8 -0.84 11.23 -5.00
C THR A 8 -0.85 9.98 -5.91
N PRO A 9 -1.97 9.73 -6.61
CA PRO A 9 -1.94 8.62 -7.57
C PRO A 9 -0.89 8.82 -8.65
N ILE A 10 -0.20 7.77 -9.06
CA ILE A 10 0.84 7.90 -10.07
C ILE A 10 0.28 8.04 -11.48
N ASP A 11 -0.99 7.67 -11.66
CA ASP A 11 -1.63 7.76 -12.98
C ASP A 11 -3.15 7.91 -12.83
N SER A 12 -3.86 7.87 -13.95
CA SER A 12 -5.31 8.17 -13.94
C SER A 12 -6.15 7.02 -13.40
N LEU A 13 -5.53 5.88 -13.17
CA LEU A 13 -6.25 4.69 -12.71
C LEU A 13 -5.97 4.38 -11.24
N ASP A 14 -5.21 5.24 -10.57
CA ASP A 14 -4.81 4.99 -9.17
C ASP A 14 -4.06 3.68 -9.03
N ASP A 15 -3.14 3.41 -9.96
CA ASP A 15 -2.42 2.14 -9.94
C ASP A 15 -1.48 2.03 -8.74
N ALA A 16 -1.10 3.18 -8.19
CA ALA A 16 -0.26 3.27 -6.99
C ALA A 16 -0.25 4.71 -6.52
N TYR A 17 0.26 4.95 -5.32
CA TYR A 17 0.30 6.28 -4.75
C TYR A 17 1.74 6.62 -4.35
N ILE A 18 2.16 7.85 -4.60
CA ILE A 18 3.49 8.28 -4.19
C ILE A 18 3.41 9.44 -3.21
N THR A 19 4.38 9.47 -2.31
CA THR A 19 4.45 10.44 -1.23
C THR A 19 5.88 10.97 -1.16
N PRO A 20 6.05 12.30 -1.15
CA PRO A 20 7.41 12.86 -1.14
C PRO A 20 8.12 12.62 0.20
N VAL A 21 9.39 12.19 0.13
CA VAL A 21 10.18 11.89 1.32
C VAL A 21 11.53 12.57 1.19
N GLN A 22 11.95 13.27 2.24
CA GLN A 22 13.26 13.92 2.26
C GLN A 22 14.32 13.00 2.88
N ILE A 23 15.42 12.78 2.15
CA ILE A 23 16.48 11.89 2.60
C ILE A 23 17.82 12.62 2.54
N GLY A 24 18.55 12.59 3.66
CA GLY A 24 19.92 13.07 3.64
C GLY A 24 20.06 14.55 3.94
N THR A 25 21.31 15.01 3.93
CA THR A 25 21.66 16.41 4.19
C THR A 25 22.66 16.91 3.15
N PRO A 26 22.30 17.93 2.35
CA PRO A 26 20.97 18.54 2.26
C PRO A 26 19.93 17.54 1.77
N ALA A 27 18.66 17.86 1.97
CA ALA A 27 17.59 16.93 1.61
C ALA A 27 17.65 16.55 0.13
N GLN A 28 17.45 15.27 -0.12
CA GLN A 28 17.15 14.78 -1.46
C GLN A 28 15.74 14.24 -1.41
N THR A 29 14.84 14.84 -2.19
CA THR A 29 13.44 14.46 -2.14
C THR A 29 13.11 13.41 -3.19
N LEU A 30 12.66 12.26 -2.72
CA LEU A 30 12.24 11.16 -3.56
C LEU A 30 10.76 10.86 -3.33
N ASN A 31 10.09 10.43 -4.40
CA ASN A 31 8.68 10.09 -4.30
C ASN A 31 8.53 8.60 -4.07
N LEU A 32 8.15 8.24 -2.84
CA LEU A 32 8.12 6.81 -2.49
C LEU A 32 6.70 6.24 -2.37
N ASP A 33 6.61 4.94 -2.61
CA ASP A 33 5.38 4.19 -2.49
C ASP A 33 5.27 3.69 -1.05
N PHE A 34 4.41 4.32 -0.25
CA PHE A 34 4.20 3.93 1.13
C PHE A 34 3.47 2.58 1.17
N ASP A 35 4.09 1.59 1.78
CA ASP A 35 3.64 0.21 1.61
C ASP A 35 3.40 -0.47 2.96
N THR A 36 2.14 -0.55 3.38
CA THR A 36 1.86 -1.17 4.68
C THR A 36 1.95 -2.69 4.59
N GLY A 37 2.32 -3.22 3.42
CA GLY A 37 2.52 -4.65 3.27
C GLY A 37 3.97 -5.11 3.29
N SER A 38 4.91 -4.18 3.52
CA SER A 38 6.33 -4.56 3.60
C SER A 38 7.04 -3.65 4.60
N SER A 39 8.32 -3.92 4.83
CA SER A 39 9.01 -3.27 5.95
C SER A 39 10.43 -2.84 5.60
N ASP A 40 10.67 -2.64 4.32
CA ASP A 40 11.93 -2.05 3.86
C ASP A 40 11.69 -0.64 3.33
N LEU A 41 12.62 0.25 3.61
CA LEU A 41 12.67 1.54 2.93
C LEU A 41 13.81 1.46 1.91
N TRP A 42 13.48 1.33 0.62
CA TRP A 42 14.52 1.21 -0.40
C TRP A 42 14.33 2.23 -1.51
N VAL A 43 15.44 2.65 -2.11
CA VAL A 43 15.38 3.72 -3.09
C VAL A 43 16.24 3.45 -4.31
N PHE A 44 15.79 3.95 -5.46
CA PHE A 44 16.67 4.11 -6.61
C PHE A 44 17.87 4.95 -6.18
N SER A 45 19.06 4.65 -6.68
CA SER A 45 20.23 5.38 -6.22
C SER A 45 21.30 5.53 -7.26
N SER A 46 22.33 6.27 -6.88
CA SER A 46 23.52 6.48 -7.70
C SER A 46 24.24 5.16 -7.96
N GLU A 47 23.89 4.14 -7.18
CA GLU A 47 24.51 2.82 -7.28
C GLU A 47 23.71 1.86 -8.18
N THR A 48 22.51 2.27 -8.57
CA THR A 48 21.67 1.41 -9.40
C THR A 48 22.27 1.29 -10.79
N THR A 49 22.36 0.06 -11.29
CA THR A 49 22.80 -0.20 -12.66
C THR A 49 22.16 0.81 -13.62
N ALA A 50 23.01 1.51 -14.37
CA ALA A 50 22.56 2.65 -15.18
C ALA A 50 21.43 2.28 -16.14
N SER A 51 21.53 1.11 -16.78
CA SER A 51 20.52 0.66 -17.73
C SER A 51 19.18 0.36 -17.08
N GLU A 52 19.16 0.33 -15.75
CA GLU A 52 17.95 -0.01 -15.01
C GLU A 52 17.26 1.23 -14.46
N VAL A 53 17.84 2.40 -14.74
CA VAL A 53 17.23 3.66 -14.33
C VAL A 53 16.69 4.35 -15.57
N ASP A 54 15.41 4.72 -15.53
CA ASP A 54 14.76 5.36 -16.66
CA ASP A 54 14.78 5.38 -16.65
C ASP A 54 13.74 6.39 -16.18
N GLY A 55 14.22 7.53 -15.70
CA GLY A 55 13.33 8.62 -15.32
C GLY A 55 13.18 8.84 -13.83
N GLN A 56 13.55 7.85 -13.03
CA GLN A 56 13.41 7.96 -11.57
C GLN A 56 14.39 8.97 -10.99
N THR A 57 13.99 9.60 -9.89
CA THR A 57 14.89 10.40 -9.07
C THR A 57 15.71 9.47 -8.20
N ILE A 58 17.02 9.70 -8.14
CA ILE A 58 17.92 8.82 -7.38
C ILE A 58 18.48 9.46 -6.12
N TYR A 59 18.74 8.61 -5.12
CA TYR A 59 19.44 9.01 -3.91
C TYR A 59 20.92 8.83 -4.13
N THR A 60 21.69 9.89 -3.88
CA THR A 60 23.14 9.80 -3.99
C THR A 60 23.77 9.94 -2.60
N PRO A 61 24.08 8.81 -1.96
CA PRO A 61 24.54 8.86 -0.57
C PRO A 61 25.84 9.65 -0.41
N SER A 62 26.67 9.67 -1.44
CA SER A 62 27.95 10.38 -1.36
C SER A 62 27.76 11.90 -1.26
N LYS A 63 26.57 12.37 -1.59
CA LYS A 63 26.25 13.81 -1.52
C LYS A 63 25.55 14.18 -0.22
N SER A 64 25.34 13.19 0.65
CA SER A 64 24.70 13.43 1.94
C SER A 64 25.71 13.37 3.07
N THR A 65 25.87 14.48 3.78
CA THR A 65 26.88 14.58 4.83
C THR A 65 26.49 13.78 6.06
N THR A 66 25.25 13.32 6.11
CA THR A 66 24.77 12.50 7.22
C THR A 66 24.68 11.01 6.87
N ALA A 67 24.96 10.65 5.61
CA ALA A 67 24.88 9.25 5.21
C ALA A 67 26.08 8.46 5.71
N LYS A 68 25.83 7.29 6.30
CA LYS A 68 26.89 6.39 6.73
C LYS A 68 26.62 4.99 6.19
N LEU A 69 27.60 4.39 5.53
CA LEU A 69 27.44 3.03 5.03
C LEU A 69 27.30 2.07 6.20
N LEU A 70 26.26 1.24 6.17
CA LEU A 70 26.10 0.22 7.19
C LEU A 70 26.95 -0.98 6.79
N SER A 71 28.07 -1.16 7.49
CA SER A 71 29.08 -2.14 7.09
C SER A 71 28.57 -3.57 6.98
N GLY A 72 28.75 -4.17 5.81
CA GLY A 72 28.40 -5.56 5.57
C GLY A 72 26.94 -5.86 5.36
N ALA A 73 26.11 -4.83 5.39
CA ALA A 73 24.65 -4.99 5.27
C ALA A 73 24.18 -4.99 3.82
N THR A 74 23.35 -5.98 3.48
CA THR A 74 22.74 -6.04 2.15
C THR A 74 21.26 -6.33 2.30
N TRP A 75 20.52 -6.16 1.20
CA TRP A 75 19.10 -6.44 1.20
C TRP A 75 18.70 -6.94 -0.16
N SER A 76 17.64 -7.73 -0.19
CA SER A 76 17.11 -8.29 -1.42
C SER A 76 15.64 -8.61 -1.21
N ILE A 77 14.79 -8.13 -2.11
CA ILE A 77 13.35 -8.33 -2.01
C ILE A 77 12.79 -8.86 -3.30
N SER A 78 11.90 -9.85 -3.17
N SER A 78 11.89 -9.85 -3.17
CA SER A 78 11.14 -10.34 -4.30
CA SER A 78 11.14 -10.35 -4.32
C SER A 78 9.66 -10.08 -4.05
C SER A 78 9.65 -10.13 -4.07
N TYR A 79 8.96 -9.59 -5.07
CA TYR A 79 7.54 -9.32 -4.95
C TYR A 79 6.74 -10.36 -5.73
N GLY A 80 5.46 -10.50 -5.38
CA GLY A 80 4.58 -11.49 -5.98
C GLY A 80 4.35 -11.34 -7.48
N ASP A 81 4.56 -10.14 -8.01
CA ASP A 81 4.37 -9.93 -9.44
C ASP A 81 5.63 -10.31 -10.21
N GLY A 82 6.57 -10.93 -9.50
CA GLY A 82 7.80 -11.39 -10.12
C GLY A 82 8.86 -10.31 -10.18
N SER A 83 8.56 -9.12 -9.64
CA SER A 83 9.52 -8.03 -9.64
C SER A 83 10.46 -8.18 -8.45
N SER A 84 11.52 -7.39 -8.45
CA SER A 84 12.56 -7.53 -7.43
C SER A 84 13.52 -6.34 -7.40
N SER A 85 14.20 -6.21 -6.28
CA SER A 85 15.23 -5.20 -6.13
C SER A 85 16.19 -5.65 -5.03
N SER A 86 17.41 -5.13 -5.04
CA SER A 86 18.43 -5.50 -4.06
C SER A 86 19.55 -4.46 -4.02
N GLY A 87 20.33 -4.46 -2.95
CA GLY A 87 21.48 -3.57 -2.88
C GLY A 87 22.15 -3.54 -1.52
N ASP A 88 22.73 -2.38 -1.20
CA ASP A 88 23.37 -2.20 0.11
C ASP A 88 22.59 -1.20 0.95
N VAL A 89 23.15 -0.83 2.10
CA VAL A 89 22.40 -0.07 3.11
C VAL A 89 23.20 1.08 3.68
N TYR A 90 22.55 2.25 3.78
CA TYR A 90 23.10 3.37 4.52
C TYR A 90 22.18 3.71 5.68
N THR A 91 22.70 4.39 6.70
CA THR A 91 21.81 5.07 7.63
C THR A 91 21.87 6.56 7.30
N ASP A 92 20.72 7.24 7.37
CA ASP A 92 20.67 8.66 7.04
C ASP A 92 19.43 9.28 7.68
N THR A 93 19.33 10.60 7.59
CA THR A 93 18.17 11.31 8.11
C THR A 93 17.02 11.26 7.11
N VAL A 94 15.85 10.85 7.58
CA VAL A 94 14.68 10.75 6.72
C VAL A 94 13.52 11.52 7.31
N SER A 95 12.90 12.37 6.50
CA SER A 95 11.77 13.15 6.98
C SER A 95 10.55 12.94 6.10
N VAL A 96 9.38 12.82 6.74
CA VAL A 96 8.12 12.72 6.02
C VAL A 96 7.17 13.78 6.56
N GLY A 97 6.86 14.78 5.73
CA GLY A 97 5.89 15.78 6.08
C GLY A 97 6.15 16.46 7.41
N GLY A 98 7.43 16.74 7.70
CA GLY A 98 7.79 17.48 8.89
C GLY A 98 8.19 16.62 10.07
N LEU A 99 8.07 15.31 9.92
CA LEU A 99 8.46 14.36 10.95
C LEU A 99 9.80 13.76 10.60
N THR A 100 10.78 13.88 11.51
CA THR A 100 12.16 13.52 11.18
C THR A 100 12.72 12.36 12.01
N VAL A 101 13.33 11.39 11.32
CA VAL A 101 14.04 10.29 11.98
C VAL A 101 15.52 10.34 11.60
N THR A 102 16.39 10.32 12.60
CA THR A 102 17.82 10.23 12.31
C THR A 102 18.24 8.77 12.38
N GLY A 103 19.23 8.40 11.58
CA GLY A 103 19.76 7.04 11.62
C GLY A 103 18.83 6.00 11.05
N GLN A 104 17.94 6.42 10.16
CA GLN A 104 17.06 5.50 9.46
C GLN A 104 17.82 4.67 8.44
N ALA A 105 17.58 3.36 8.42
CA ALA A 105 18.16 2.52 7.37
C ALA A 105 17.53 2.86 6.02
N VAL A 106 18.37 3.33 5.11
CA VAL A 106 17.97 3.64 3.74
C VAL A 106 18.63 2.62 2.83
N GLU A 107 17.82 1.78 2.22
CA GLU A 107 18.34 0.65 1.46
C GLU A 107 18.52 1.06 0.00
N SER A 108 19.78 1.22 -0.39
CA SER A 108 20.13 1.73 -1.71
C SER A 108 20.14 0.61 -2.75
N ALA A 109 19.38 0.78 -3.84
CA ALA A 109 19.29 -0.29 -4.84
C ALA A 109 20.52 -0.35 -5.75
N LYS A 110 21.09 -1.54 -5.88
CA LYS A 110 22.10 -1.81 -6.90
C LYS A 110 21.45 -2.39 -8.14
N LYS A 111 20.34 -3.10 -7.94
CA LYS A 111 19.60 -3.74 -9.00
C LYS A 111 18.10 -3.55 -8.79
N VAL A 112 17.36 -3.34 -9.87
CA VAL A 112 15.91 -3.38 -9.85
C VAL A 112 15.46 -4.15 -11.08
N SER A 113 14.30 -4.80 -10.99
CA SER A 113 13.78 -5.53 -12.15
C SER A 113 13.07 -4.59 -13.13
N SER A 114 12.70 -5.14 -14.28
CA SER A 114 12.19 -4.32 -15.38
C SER A 114 10.95 -3.51 -15.04
N SER A 115 10.07 -4.06 -14.21
N SER A 115 10.07 -4.08 -14.21
CA SER A 115 8.82 -3.37 -13.88
CA SER A 115 8.82 -3.40 -13.85
C SER A 115 9.10 -2.07 -13.13
C SER A 115 9.08 -2.10 -13.12
N PHE A 116 10.14 -2.07 -12.30
CA PHE A 116 10.51 -0.85 -11.59
C PHE A 116 11.13 0.15 -12.55
N THR A 117 12.05 -0.33 -13.39
CA THR A 117 12.64 0.51 -14.43
C THR A 117 11.58 1.17 -15.32
N GLU A 118 10.55 0.42 -15.69
CA GLU A 118 9.56 0.90 -16.64
C GLU A 118 8.59 1.90 -16.01
N ASP A 119 8.60 1.99 -14.69
CA ASP A 119 7.72 2.93 -14.00
C ASP A 119 8.50 4.12 -13.46
N SER A 120 8.53 5.21 -14.24
CA SER A 120 9.36 6.35 -13.90
C SER A 120 8.84 7.16 -12.71
N THR A 121 7.64 6.86 -12.24
CA THR A 121 6.99 7.71 -11.21
C THR A 121 7.28 7.29 -9.77
N ILE A 122 7.83 6.09 -9.60
CA ILE A 122 8.11 5.57 -8.26
C ILE A 122 9.61 5.44 -8.02
N ASP A 123 10.10 6.19 -7.05
CA ASP A 123 11.54 6.27 -6.78
C ASP A 123 12.00 5.25 -5.75
N GLY A 124 11.05 4.52 -5.19
CA GLY A 124 11.33 3.50 -4.19
C GLY A 124 10.12 3.24 -3.32
N LEU A 125 10.32 2.47 -2.25
CA LEU A 125 9.23 2.07 -1.36
C LEU A 125 9.58 2.45 0.07
N LEU A 126 8.55 2.82 0.83
CA LEU A 126 8.73 3.03 2.27
C LEU A 126 7.79 2.08 3.01
N GLY A 127 8.35 1.04 3.62
CA GLY A 127 7.54 0.02 4.26
C GLY A 127 6.98 0.42 5.61
N LEU A 128 5.75 0.00 5.87
CA LEU A 128 5.04 0.36 7.10
C LEU A 128 4.38 -0.85 7.77
N ALA A 129 4.79 -2.04 7.36
CA ALA A 129 4.42 -3.26 8.07
C ALA A 129 5.34 -3.42 9.28
N PHE A 130 5.31 -4.58 9.91
CA PHE A 130 6.05 -4.75 11.15
C PHE A 130 7.50 -5.10 10.85
N SER A 131 8.41 -4.63 11.70
CA SER A 131 9.83 -4.69 11.37
C SER A 131 10.37 -6.13 11.28
N THR A 132 9.62 -7.11 11.76
CA THR A 132 10.04 -8.52 11.61
C THR A 132 10.18 -8.93 10.14
N LEU A 133 9.54 -8.20 9.23
CA LEU A 133 9.65 -8.52 7.81
C LEU A 133 10.81 -7.85 7.10
N ASN A 134 11.57 -6.99 7.79
CA ASN A 134 12.67 -6.29 7.12
C ASN A 134 13.72 -7.27 6.61
N THR A 135 14.17 -7.07 5.38
CA THR A 135 15.05 -8.05 4.74
C THR A 135 16.54 -7.81 4.93
N VAL A 136 16.93 -6.74 5.63
CA VAL A 136 18.36 -6.44 5.74
C VAL A 136 19.11 -7.54 6.50
N SER A 137 20.24 -7.95 5.93
N SER A 137 20.21 -7.97 5.91
CA SER A 137 21.07 -9.02 6.46
CA SER A 137 21.07 -9.00 6.51
C SER A 137 22.52 -8.52 6.53
C SER A 137 22.50 -8.49 6.56
N PRO A 138 23.27 -8.92 7.58
CA PRO A 138 22.91 -9.89 8.61
C PRO A 138 22.21 -9.31 9.83
N THR A 139 21.95 -8.01 9.83
CA THR A 139 21.27 -7.38 10.95
C THR A 139 20.01 -6.65 10.48
N GLN A 140 18.86 -7.21 10.84
CA GLN A 140 17.56 -6.64 10.46
C GLN A 140 17.42 -5.19 10.93
N GLN A 141 16.79 -4.35 10.12
CA GLN A 141 16.65 -2.92 10.43
C GLN A 141 15.21 -2.53 10.67
N LYS A 142 15.00 -1.38 11.31
CA LYS A 142 13.66 -0.95 11.71
C LYS A 142 13.00 -0.04 10.68
N THR A 143 11.67 -0.09 10.63
CA THR A 143 10.91 0.77 9.72
C THR A 143 10.94 2.21 10.19
N PHE A 144 10.60 3.12 9.29
CA PHE A 144 10.45 4.53 9.62
C PHE A 144 9.49 4.73 10.78
N PHE A 145 8.34 4.06 10.72
CA PHE A 145 7.34 4.20 11.77
C PHE A 145 7.85 3.69 13.11
N ASP A 146 8.54 2.55 13.09
CA ASP A 146 9.11 1.96 14.30
CA ASP A 146 9.07 1.99 14.33
C ASP A 146 10.09 2.93 14.95
N ASN A 147 10.91 3.56 14.11
CA ASN A 147 11.90 4.51 14.58
C ASN A 147 11.27 5.78 15.14
N ALA A 148 10.18 6.22 14.53
CA ALA A 148 9.52 7.46 14.93
C ALA A 148 8.56 7.30 16.10
N LYS A 149 8.12 6.07 16.33
CA LYS A 149 7.00 5.75 17.22
C LYS A 149 7.02 6.42 18.60
N ALA A 150 8.15 6.30 19.29
CA ALA A 150 8.28 6.79 20.66
C ALA A 150 8.12 8.30 20.73
N SER A 151 8.50 8.99 19.67
CA SER A 151 8.48 10.45 19.65
CA SER A 151 8.48 10.45 19.65
C SER A 151 7.13 11.02 19.23
N LEU A 152 6.30 10.20 18.59
CA LEU A 152 4.99 10.66 18.14
C LEU A 152 4.08 11.02 19.30
N ASP A 153 3.21 12.00 19.07
CA ASP A 153 2.18 12.35 20.06
C ASP A 153 1.37 11.11 20.44
N SER A 154 1.03 10.32 19.44
CA SER A 154 0.33 9.05 19.62
C SER A 154 0.95 8.03 18.66
N PRO A 155 1.12 6.77 19.09
CA PRO A 155 1.87 5.81 18.25
C PRO A 155 1.03 5.27 17.09
N VAL A 156 0.63 6.16 16.18
CA VAL A 156 -0.28 5.81 15.10
C VAL A 156 0.12 6.46 13.78
N PHE A 157 -0.34 5.88 12.68
CA PHE A 157 -0.37 6.64 11.44
C PHE A 157 -1.69 6.35 10.74
N THR A 158 -2.11 7.25 9.88
CA THR A 158 -3.37 7.06 9.18
C THR A 158 -3.18 7.16 7.68
N ALA A 159 -3.97 6.39 6.94
CA ALA A 159 -3.95 6.42 5.49
C ALA A 159 -5.28 6.94 4.98
N ASP A 160 -5.24 8.00 4.20
CA ASP A 160 -6.44 8.60 3.62
C ASP A 160 -6.22 8.74 2.13
N LEU A 161 -6.36 7.62 1.40
CA LEU A 161 -6.09 7.58 -0.03
C LEU A 161 -7.28 8.12 -0.82
N GLY A 162 -6.99 8.89 -1.86
CA GLY A 162 -8.03 9.48 -2.70
C GLY A 162 -8.41 8.63 -3.89
N TYR A 163 -9.67 8.72 -4.31
CA TYR A 163 -10.07 8.13 -5.58
C TYR A 163 -9.85 9.17 -6.68
N HIS A 164 -8.91 8.91 -7.56
CA HIS A 164 -8.59 9.84 -8.64
C HIS A 164 -8.31 11.24 -8.11
N ALA A 165 -7.67 11.33 -6.94
CA ALA A 165 -7.49 12.60 -6.26
C ALA A 165 -6.41 12.44 -5.20
N PRO A 166 -5.83 13.56 -4.75
CA PRO A 166 -4.79 13.44 -3.71
C PRO A 166 -5.37 13.01 -2.38
N GLY A 167 -4.50 12.54 -1.50
CA GLY A 167 -4.90 12.12 -0.18
C GLY A 167 -3.79 12.43 0.80
N THR A 168 -3.82 11.78 1.96
CA THR A 168 -2.94 12.15 3.05
C THR A 168 -2.46 10.95 3.86
N TYR A 169 -1.17 10.95 4.21
CA TYR A 169 -0.64 10.12 5.29
C TYR A 169 -0.29 11.01 6.47
N ASN A 170 -0.90 10.74 7.63
CA ASN A 170 -0.54 11.45 8.87
C ASN A 170 0.16 10.51 9.83
N PHE A 171 1.13 11.05 10.57
CA PHE A 171 1.85 10.32 11.60
C PHE A 171 1.67 10.99 12.95
N GLY A 172 1.24 10.22 13.95
CA GLY A 172 1.18 10.70 15.32
C GLY A 172 -0.12 11.34 15.77
N PHE A 173 -1.10 11.45 14.88
CA PHE A 173 -2.38 12.02 15.26
C PHE A 173 -3.49 11.57 14.35
N ILE A 174 -4.72 11.67 14.86
CA ILE A 174 -5.91 11.36 14.08
C ILE A 174 -6.67 12.64 13.77
N ASP A 175 -6.80 12.95 12.47
CA ASP A 175 -7.52 14.14 12.02
C ASP A 175 -9.00 13.86 12.00
N THR A 176 -9.70 14.34 13.01
CA THR A 176 -11.11 14.01 13.19
C THR A 176 -12.01 14.70 12.20
N THR A 177 -11.45 15.62 11.41
CA THR A 177 -12.22 16.23 10.33
C THR A 177 -12.13 15.45 9.00
N ALA A 178 -11.38 14.37 8.98
CA ALA A 178 -11.11 13.67 7.73
C ALA A 178 -12.06 12.50 7.45
N TYR A 179 -13.02 12.28 8.35
CA TYR A 179 -13.93 11.17 8.17
C TYR A 179 -15.29 11.53 8.72
N THR A 180 -16.28 10.72 8.40
CA THR A 180 -17.62 10.90 8.92
C THR A 180 -17.93 9.80 9.93
N GLY A 181 -18.93 10.00 10.78
CA GLY A 181 -19.27 8.99 11.77
C GLY A 181 -18.11 8.67 12.70
N SER A 182 -18.04 7.42 13.13
N SER A 182 -18.03 7.43 13.14
CA SER A 182 -17.01 6.98 14.08
CA SER A 182 -17.00 7.02 14.08
C SER A 182 -16.00 6.05 13.42
C SER A 182 -16.03 6.01 13.47
N ILE A 183 -14.85 5.91 14.06
CA ILE A 183 -13.85 4.94 13.65
C ILE A 183 -14.14 3.64 14.39
N THR A 184 -14.31 2.55 13.63
CA THR A 184 -14.48 1.23 14.24
C THR A 184 -13.14 0.53 14.27
N TYR A 185 -12.70 0.14 15.45
CA TYR A 185 -11.43 -0.54 15.61
C TYR A 185 -11.61 -2.05 15.64
N THR A 186 -10.63 -2.76 15.12
CA THR A 186 -10.74 -4.20 14.96
C THR A 186 -9.37 -4.84 15.24
N ALA A 187 -9.36 -6.07 15.74
CA ALA A 187 -8.13 -6.71 16.18
C ALA A 187 -7.14 -7.00 15.04
N VAL A 188 -5.86 -6.92 15.38
CA VAL A 188 -4.80 -7.19 14.43
C VAL A 188 -3.94 -8.36 14.89
N SER A 189 -3.62 -9.28 13.97
CA SER A 189 -2.59 -10.26 14.23
C SER A 189 -1.30 -9.86 13.53
N THR A 190 -0.20 -9.85 14.27
CA THR A 190 1.08 -9.52 13.67
C THR A 190 1.92 -10.76 13.43
N LYS A 191 1.29 -11.92 13.51
CA LYS A 191 2.05 -13.16 13.48
C LYS A 191 2.75 -13.40 12.13
N GLN A 192 2.21 -12.83 11.05
CA GLN A 192 2.88 -12.89 9.76
C GLN A 192 3.55 -11.58 9.38
N GLY A 193 3.62 -10.65 10.32
CA GLY A 193 4.30 -9.39 10.12
C GLY A 193 3.46 -8.32 9.42
N PHE A 194 2.21 -8.68 9.11
CA PHE A 194 1.31 -7.76 8.41
C PHE A 194 0.32 -7.08 9.33
N TRP A 195 -0.35 -6.05 8.81
CA TRP A 195 -1.53 -5.52 9.47
C TRP A 195 -2.70 -6.43 9.10
N GLU A 196 -2.74 -7.61 9.73
CA GLU A 196 -3.69 -8.64 9.39
C GLU A 196 -4.91 -8.57 10.29
N TRP A 197 -6.10 -8.59 9.70
CA TRP A 197 -7.33 -8.47 10.47
C TRP A 197 -8.42 -9.37 9.88
N THR A 198 -9.60 -9.38 10.48
CA THR A 198 -10.68 -10.23 9.98
C THR A 198 -11.94 -9.44 9.73
N SER A 199 -12.26 -9.30 8.45
CA SER A 199 -13.50 -8.65 8.05
C SER A 199 -14.69 -9.53 8.45
N THR A 200 -15.80 -8.90 8.76
CA THR A 200 -16.98 -9.63 9.22
C THR A 200 -17.92 -10.06 8.07
N GLY A 201 -17.62 -9.64 6.85
CA GLY A 201 -18.38 -10.11 5.71
C GLY A 201 -18.51 -9.10 4.60
N TYR A 202 -19.49 -9.28 3.71
CA TYR A 202 -19.58 -8.44 2.53
C TYR A 202 -21.00 -8.35 1.95
N ALA A 203 -21.23 -7.33 1.14
CA ALA A 203 -22.42 -7.27 0.29
C ALA A 203 -22.02 -6.83 -1.11
N VAL A 204 -22.82 -7.22 -2.09
CA VAL A 204 -22.64 -6.77 -3.46
C VAL A 204 -23.80 -5.86 -3.85
N GLY A 205 -23.49 -4.62 -4.23
CA GLY A 205 -24.51 -3.63 -4.55
C GLY A 205 -25.50 -3.45 -3.41
N SER A 206 -26.79 -3.44 -3.72
CA SER A 206 -27.81 -3.29 -2.70
CA SER A 206 -27.82 -3.30 -2.71
C SER A 206 -28.22 -4.65 -2.14
N GLY A 207 -27.41 -5.68 -2.41
CA GLY A 207 -27.69 -7.02 -1.96
C GLY A 207 -27.60 -7.24 -0.44
N THR A 208 -28.12 -8.37 0.01
N THR A 208 -28.10 -8.39 -0.02
CA THR A 208 -28.08 -8.70 1.42
CA THR A 208 -28.05 -8.83 1.37
C THR A 208 -26.65 -8.93 1.88
C THR A 208 -26.61 -8.94 1.86
N PHE A 209 -26.35 -8.48 3.08
CA PHE A 209 -25.02 -8.65 3.67
C PHE A 209 -24.80 -10.09 4.09
N LYS A 210 -23.65 -10.63 3.71
CA LYS A 210 -23.24 -11.98 4.03
C LYS A 210 -22.28 -11.94 5.20
N SER A 211 -22.68 -12.48 6.35
CA SER A 211 -21.79 -12.56 7.51
C SER A 211 -20.86 -13.72 7.34
N THR A 212 -19.56 -13.43 7.19
CA THR A 212 -18.58 -14.48 6.99
C THR A 212 -17.20 -13.90 7.28
N SER A 213 -16.37 -14.66 7.98
CA SER A 213 -15.06 -14.16 8.36
C SER A 213 -14.10 -14.17 7.19
N ILE A 214 -13.52 -13.03 6.90
CA ILE A 214 -12.53 -12.93 5.83
C ILE A 214 -11.25 -12.38 6.41
N ASP A 215 -10.26 -13.25 6.56
CA ASP A 215 -8.97 -12.87 7.10
C ASP A 215 -8.10 -12.29 5.99
N GLY A 216 -7.57 -11.09 6.21
CA GLY A 216 -6.75 -10.48 5.17
C GLY A 216 -5.88 -9.38 5.72
N ILE A 217 -5.12 -8.72 4.84
CA ILE A 217 -4.21 -7.67 5.30
C ILE A 217 -4.57 -6.31 4.72
N ALA A 218 -4.39 -5.27 5.52
CA ALA A 218 -4.54 -3.91 5.05
C ALA A 218 -3.24 -3.50 4.38
N ASP A 219 -3.26 -3.39 3.05
CA ASP A 219 -2.02 -3.25 2.28
C ASP A 219 -2.07 -2.08 1.29
N THR A 220 -1.51 -0.94 1.69
CA THR A 220 -1.52 0.23 0.82
C THR A 220 -0.65 0.03 -0.43
N GLY A 221 0.26 -0.93 -0.38
CA GLY A 221 1.17 -1.18 -1.48
C GLY A 221 0.62 -2.11 -2.53
N THR A 222 -0.62 -2.56 -2.36
CA THR A 222 -1.27 -3.37 -3.38
C THR A 222 -2.42 -2.59 -4.00
N THR A 223 -2.54 -2.63 -5.32
CA THR A 223 -3.54 -1.81 -6.01
C THR A 223 -4.98 -2.27 -5.82
N LEU A 224 -5.18 -3.57 -5.97
CA LEU A 224 -6.53 -4.12 -6.06
C LEU A 224 -6.99 -4.75 -4.77
N LEU A 225 -8.24 -5.19 -4.78
CA LEU A 225 -8.86 -5.90 -3.68
C LEU A 225 -8.91 -7.39 -4.00
N TYR A 226 -8.16 -8.20 -3.26
CA TYR A 226 -8.08 -9.64 -3.52
C TYR A 226 -8.84 -10.41 -2.45
N LEU A 227 -9.85 -11.15 -2.86
CA LEU A 227 -10.77 -11.81 -1.93
C LEU A 227 -11.03 -13.26 -2.36
N PRO A 228 -11.67 -14.07 -1.48
CA PRO A 228 -11.85 -15.49 -1.83
C PRO A 228 -12.62 -15.68 -3.13
N ALA A 229 -12.32 -16.76 -3.85
CA ALA A 229 -12.95 -17.00 -5.15
C ALA A 229 -14.48 -16.97 -5.09
N THR A 230 -15.04 -17.49 -4.01
CA THR A 230 -16.50 -17.48 -3.86
C THR A 230 -17.07 -16.07 -3.85
N VAL A 231 -16.38 -15.18 -3.13
CA VAL A 231 -16.83 -13.81 -2.96
C VAL A 231 -16.71 -13.05 -4.27
N VAL A 232 -15.56 -13.23 -4.92
CA VAL A 232 -15.27 -12.56 -6.17
C VAL A 232 -16.22 -13.02 -7.29
N SER A 233 -16.56 -14.31 -7.30
CA SER A 233 -17.56 -14.82 -8.23
C SER A 233 -18.91 -14.16 -7.99
N ALA A 234 -19.27 -14.01 -6.73
CA ALA A 234 -20.55 -13.40 -6.36
C ALA A 234 -20.59 -11.95 -6.82
N TYR A 235 -19.47 -11.26 -6.74
CA TYR A 235 -19.43 -9.88 -7.21
C TYR A 235 -19.62 -9.80 -8.73
N TRP A 236 -18.77 -10.48 -9.49
CA TRP A 236 -18.80 -10.31 -10.95
C TRP A 236 -20.04 -10.93 -11.61
N ALA A 237 -20.72 -11.83 -10.91
CA ALA A 237 -22.02 -12.34 -11.36
C ALA A 237 -23.05 -11.23 -11.54
N GLN A 238 -22.86 -10.11 -10.85
CA GLN A 238 -23.77 -8.98 -10.94
C GLN A 238 -23.38 -8.00 -12.04
N VAL A 239 -22.36 -8.33 -12.82
CA VAL A 239 -21.96 -7.47 -13.94
C VAL A 239 -22.17 -8.21 -15.25
N SER A 240 -23.12 -7.73 -16.06
CA SER A 240 -23.43 -8.43 -17.30
CA SER A 240 -23.43 -8.39 -17.33
C SER A 240 -22.22 -8.48 -18.23
N GLY A 241 -21.88 -9.69 -18.66
CA GLY A 241 -20.77 -9.88 -19.59
C GLY A 241 -19.40 -10.06 -18.94
N ALA A 242 -19.30 -9.89 -17.63
CA ALA A 242 -18.03 -10.09 -16.95
C ALA A 242 -17.64 -11.55 -17.00
N LYS A 243 -16.34 -11.82 -17.15
CA LYS A 243 -15.82 -13.17 -17.25
C LYS A 243 -14.42 -13.23 -16.64
N SER A 244 -14.04 -14.38 -16.08
CA SER A 244 -12.65 -14.55 -15.70
C SER A 244 -11.83 -15.02 -16.89
N SER A 245 -10.79 -14.27 -17.23
CA SER A 245 -9.97 -14.57 -18.39
C SER A 245 -8.58 -15.04 -17.98
N SER A 246 -8.20 -16.23 -18.44
CA SER A 246 -6.88 -16.79 -18.17
C SER A 246 -5.78 -15.97 -18.82
N SER A 247 -6.01 -15.61 -20.08
CA SER A 247 -5.02 -14.85 -20.85
C SER A 247 -4.75 -13.49 -20.22
N VAL A 248 -5.82 -12.81 -19.78
CA VAL A 248 -5.66 -11.49 -19.19
C VAL A 248 -5.22 -11.59 -17.72
N GLY A 249 -5.61 -12.67 -17.04
CA GLY A 249 -5.14 -12.93 -15.69
C GLY A 249 -6.10 -12.49 -14.60
N GLY A 250 -7.39 -12.54 -14.92
CA GLY A 250 -8.39 -12.21 -13.93
C GLY A 250 -9.70 -11.86 -14.58
N TYR A 251 -10.61 -11.33 -13.77
CA TYR A 251 -11.91 -10.92 -14.27
C TYR A 251 -11.80 -9.65 -15.08
N VAL A 252 -12.48 -9.67 -16.22
CA VAL A 252 -12.63 -8.51 -17.08
C VAL A 252 -14.10 -8.29 -17.35
N PHE A 253 -14.48 -7.09 -17.80
CA PHE A 253 -15.90 -6.79 -17.98
C PHE A 253 -16.07 -5.75 -19.09
N PRO A 254 -17.26 -5.71 -19.73
CA PRO A 254 -17.46 -4.72 -20.78
C PRO A 254 -17.29 -3.29 -20.25
N CYS A 255 -16.51 -2.46 -20.93
CA CYS A 255 -16.24 -1.13 -20.41
C CYS A 255 -17.52 -0.28 -20.30
N SER A 256 -18.58 -0.68 -21.01
CA SER A 256 -19.86 0.05 -20.97
C SER A 256 -20.71 -0.29 -19.74
N ALA A 257 -20.26 -1.27 -18.95
CA ALA A 257 -21.02 -1.73 -17.80
C ALA A 257 -21.12 -0.67 -16.72
N THR A 258 -22.17 -0.74 -15.91
CA THR A 258 -22.24 0.03 -14.67
C THR A 258 -21.91 -0.93 -13.53
N LEU A 259 -20.81 -0.66 -12.83
CA LEU A 259 -20.36 -1.58 -11.79
C LEU A 259 -21.13 -1.37 -10.49
N PRO A 260 -21.54 -2.46 -9.84
CA PRO A 260 -22.15 -2.35 -8.51
C PRO A 260 -21.13 -2.02 -7.43
N SER A 261 -21.57 -1.42 -6.33
CA SER A 261 -20.67 -1.19 -5.21
C SER A 261 -20.31 -2.51 -4.53
N PHE A 262 -19.29 -2.47 -3.67
CA PHE A 262 -18.91 -3.61 -2.85
C PHE A 262 -18.76 -3.11 -1.43
N THR A 263 -19.42 -3.79 -0.51
CA THR A 263 -19.36 -3.44 0.91
C THR A 263 -18.58 -4.47 1.70
N PHE A 264 -17.65 -4.05 2.54
CA PHE A 264 -17.04 -5.01 3.46
C PHE A 264 -17.28 -4.60 4.91
N GLY A 265 -17.32 -5.58 5.79
CA GLY A 265 -17.61 -5.33 7.20
C GLY A 265 -16.37 -5.14 8.05
N VAL A 266 -16.48 -4.20 8.98
CA VAL A 266 -15.48 -3.99 10.03
C VAL A 266 -16.28 -4.03 11.33
N GLY A 267 -16.21 -5.14 12.04
CA GLY A 267 -17.10 -5.35 13.18
C GLY A 267 -18.52 -5.15 12.68
N SER A 268 -19.31 -4.38 13.41
CA SER A 268 -20.68 -4.10 12.97
C SER A 268 -20.77 -2.98 11.93
N ALA A 269 -19.64 -2.33 11.65
CA ALA A 269 -19.63 -1.21 10.73
C ALA A 269 -19.51 -1.69 9.29
N ARG A 270 -19.76 -0.79 8.35
CA ARG A 270 -19.73 -1.16 6.95
C ARG A 270 -18.99 -0.11 6.13
N ILE A 271 -18.04 -0.55 5.32
CA ILE A 271 -17.38 0.34 4.38
C ILE A 271 -17.87 0.05 2.96
N VAL A 272 -18.35 1.07 2.28
CA VAL A 272 -18.89 0.90 0.92
C VAL A 272 -17.93 1.41 -0.13
N ILE A 273 -17.44 0.50 -0.97
CA ILE A 273 -16.61 0.83 -2.12
C ILE A 273 -17.51 1.13 -3.32
N PRO A 274 -17.52 2.40 -3.80
CA PRO A 274 -18.35 2.71 -4.96
C PRO A 274 -17.95 1.89 -6.16
N GLY A 275 -18.90 1.56 -7.03
CA GLY A 275 -18.58 0.73 -8.16
C GLY A 275 -17.47 1.25 -9.05
N ASP A 276 -17.39 2.57 -9.26
CA ASP A 276 -16.36 3.04 -10.20
C ASP A 276 -14.95 2.88 -9.63
N TYR A 277 -14.81 2.63 -8.33
CA TYR A 277 -13.48 2.35 -7.76
C TYR A 277 -12.94 1.01 -8.27
N ILE A 278 -13.83 0.19 -8.82
CA ILE A 278 -13.49 -1.18 -9.19
C ILE A 278 -13.14 -1.27 -10.69
N ASP A 279 -13.19 -0.13 -11.37
CA ASP A 279 -12.89 -0.08 -12.81
C ASP A 279 -11.42 0.29 -13.05
N PHE A 280 -10.64 -0.60 -13.65
CA PHE A 280 -9.26 -0.25 -13.93
C PHE A 280 -8.97 -0.11 -15.43
N GLY A 281 -10.03 0.14 -16.20
CA GLY A 281 -9.88 0.59 -17.57
C GLY A 281 -9.56 -0.51 -18.56
N PRO A 282 -9.43 -0.14 -19.83
CA PRO A 282 -9.22 -1.10 -20.92
C PRO A 282 -7.98 -1.96 -20.69
N ILE A 283 -8.10 -3.24 -21.02
CA ILE A 283 -7.01 -4.18 -20.76
C ILE A 283 -5.79 -3.86 -21.62
N SER A 284 -6.05 -3.29 -22.80
CA SER A 284 -5.01 -2.72 -23.65
C SER A 284 -5.57 -1.47 -24.29
N THR A 285 -4.71 -0.57 -24.74
CA THR A 285 -5.20 0.67 -25.33
C THR A 285 -6.19 0.41 -26.46
N GLY A 286 -7.35 1.07 -26.38
CA GLY A 286 -8.36 0.97 -27.39
C GLY A 286 -9.32 -0.19 -27.24
N SER A 287 -9.06 -1.07 -26.26
CA SER A 287 -9.97 -2.20 -26.03
C SER A 287 -11.27 -1.79 -25.33
N SER A 288 -12.37 -2.48 -25.65
CA SER A 288 -13.61 -2.24 -24.93
C SER A 288 -13.81 -3.25 -23.80
N SER A 289 -12.76 -4.01 -23.51
CA SER A 289 -12.77 -4.91 -22.37
CA SER A 289 -12.77 -4.92 -22.37
C SER A 289 -11.97 -4.26 -21.25
N CYS A 290 -12.55 -4.18 -20.05
CA CYS A 290 -11.91 -3.48 -18.93
C CYS A 290 -11.47 -4.44 -17.83
N PHE A 291 -10.45 -4.06 -17.07
CA PHE A 291 -9.95 -4.94 -16.03
C PHE A 291 -10.61 -4.64 -14.70
N GLY A 292 -11.01 -5.69 -14.00
CA GLY A 292 -11.71 -5.54 -12.73
C GLY A 292 -10.79 -5.27 -11.55
N GLY A 293 -11.28 -4.51 -10.58
CA GLY A 293 -10.48 -4.16 -9.42
C GLY A 293 -10.67 -5.05 -8.21
N ILE A 294 -11.58 -6.02 -8.35
CA ILE A 294 -11.75 -7.08 -7.35
C ILE A 294 -11.36 -8.39 -8.01
N GLN A 295 -10.37 -9.08 -7.43
CA GLN A 295 -9.86 -10.30 -8.05
C GLN A 295 -9.70 -11.40 -7.00
N SER A 296 -9.59 -12.64 -7.47
CA SER A 296 -9.47 -13.80 -6.56
C SER A 296 -8.11 -13.86 -5.89
N SER A 297 -8.11 -14.16 -4.60
CA SER A 297 -6.87 -14.38 -3.84
C SER A 297 -6.42 -15.83 -3.85
N ALA A 298 -7.16 -16.67 -4.57
N ALA A 298 -7.12 -16.69 -4.58
CA ALA A 298 -6.79 -18.07 -4.72
CA ALA A 298 -6.88 -18.13 -4.48
C ALA A 298 -5.45 -18.15 -5.45
C ALA A 298 -5.41 -18.51 -4.73
N GLY A 299 -4.48 -18.77 -4.81
N GLY A 299 -4.77 -17.82 -5.67
CA GLY A 299 -3.14 -18.80 -5.35
CA GLY A 299 -3.39 -18.12 -6.02
C GLY A 299 -2.23 -17.85 -4.60
C GLY A 299 -2.35 -17.32 -5.26
N ILE A 300 -2.77 -16.72 -4.14
CA ILE A 300 -1.95 -15.81 -3.35
C ILE A 300 -1.71 -16.42 -1.97
N GLY A 301 -2.76 -17.00 -1.40
CA GLY A 301 -2.67 -17.62 -0.08
C GLY A 301 -3.14 -16.73 1.04
N ILE A 302 -3.43 -15.46 0.72
CA ILE A 302 -3.95 -14.54 1.70
C ILE A 302 -4.81 -13.50 1.01
N ASN A 303 -5.83 -13.02 1.70
CA ASN A 303 -6.68 -11.97 1.16
C ASN A 303 -6.03 -10.63 1.37
N ILE A 304 -6.23 -9.73 0.42
CA ILE A 304 -5.53 -8.45 0.46
C ILE A 304 -6.47 -7.27 0.27
N PHE A 305 -6.61 -6.50 1.34
CA PHE A 305 -7.39 -5.26 1.26
C PHE A 305 -6.45 -4.18 0.77
N GLY A 306 -6.30 -4.12 -0.55
CA GLY A 306 -5.44 -3.16 -1.20
C GLY A 306 -6.12 -1.81 -1.40
N ASP A 307 -5.55 -0.97 -2.25
CA ASP A 307 -6.00 0.42 -2.36
C ASP A 307 -7.49 0.53 -2.73
N VAL A 308 -7.98 -0.38 -3.58
CA VAL A 308 -9.40 -0.35 -3.96
C VAL A 308 -10.32 -0.31 -2.73
N ALA A 309 -9.97 -1.07 -1.70
CA ALA A 309 -10.76 -1.05 -0.47
C ALA A 309 -10.36 0.12 0.43
N LEU A 310 -9.06 0.29 0.63
CA LEU A 310 -8.61 1.28 1.60
C LEU A 310 -8.99 2.71 1.23
N LYS A 311 -9.03 3.02 -0.07
N LYS A 311 -9.04 3.04 -0.06
CA LYS A 311 -9.32 4.39 -0.51
CA LYS A 311 -9.32 4.43 -0.44
C LYS A 311 -10.78 4.78 -0.24
C LYS A 311 -10.80 4.78 -0.26
N ALA A 312 -11.61 3.77 0.05
CA ALA A 312 -13.01 4.01 0.43
C ALA A 312 -13.14 4.36 1.92
N ALA A 313 -12.02 4.36 2.64
CA ALA A 313 -12.08 4.58 4.08
C ALA A 313 -10.97 5.52 4.57
N PHE A 314 -11.16 6.01 5.79
CA PHE A 314 -10.11 6.64 6.57
C PHE A 314 -9.55 5.52 7.45
N VAL A 315 -8.26 5.22 7.32
CA VAL A 315 -7.74 4.01 7.97
C VAL A 315 -6.67 4.35 9.01
N VAL A 316 -6.88 3.86 10.22
CA VAL A 316 -5.95 4.10 11.33
C VAL A 316 -5.09 2.87 11.57
N PHE A 317 -3.78 3.04 11.45
CA PHE A 317 -2.85 1.99 11.77
C PHE A 317 -2.34 2.27 13.17
N ASN A 318 -2.97 1.64 14.15
CA ASN A 318 -2.67 1.91 15.55
C ASN A 318 -1.55 1.02 16.08
N GLY A 319 -0.38 1.61 16.29
CA GLY A 319 0.79 0.86 16.70
C GLY A 319 1.05 0.85 18.20
N ALA A 320 -0.03 0.85 18.99
CA ALA A 320 0.08 0.69 20.43
C ALA A 320 0.69 -0.67 20.76
N THR A 321 0.95 -0.91 22.04
CA THR A 321 1.58 -2.15 22.48
C THR A 321 0.84 -3.37 21.94
N THR A 322 -0.48 -3.32 21.94
CA THR A 322 -1.27 -4.25 21.15
C THR A 322 -1.86 -3.53 19.93
N PRO A 323 -1.28 -3.74 18.74
CA PRO A 323 -1.76 -2.98 17.58
C PRO A 323 -3.19 -3.31 17.16
N THR A 324 -3.88 -2.31 16.60
CA THR A 324 -5.23 -2.50 16.06
C THR A 324 -5.35 -1.69 14.79
N LEU A 325 -6.47 -1.90 14.10
CA LEU A 325 -6.76 -1.19 12.86
CA LEU A 325 -6.75 -1.20 12.86
C LEU A 325 -8.09 -0.50 13.01
N GLY A 326 -8.17 0.75 12.55
CA GLY A 326 -9.43 1.48 12.59
C GLY A 326 -9.91 1.83 11.19
N PHE A 327 -11.22 1.72 10.96
CA PHE A 327 -11.83 2.10 9.69
C PHE A 327 -12.99 3.03 9.93
N ALA A 328 -13.02 4.14 9.18
CA ALA A 328 -14.20 4.99 9.15
C ALA A 328 -14.57 5.30 7.70
N SER A 329 -15.86 5.57 7.47
N SER A 329 -15.86 5.54 7.45
CA SER A 329 -16.30 6.08 6.18
CA SER A 329 -16.29 6.07 6.17
C SER A 329 -15.90 7.54 6.07
C SER A 329 -15.86 7.53 6.07
N LYS A 330 -15.83 8.05 4.84
CA LYS A 330 -15.42 9.44 4.66
C LYS A 330 -16.14 10.09 3.50
C1 GOL B . -12.23 3.11 -17.72
O1 GOL B . -11.24 4.11 -17.67
C2 GOL B . -13.18 3.33 -18.89
O2 GOL B . -13.02 2.31 -19.85
C3 GOL B . -14.63 3.37 -18.42
O3 GOL B . -15.09 2.08 -18.05
C1 EDO C . 9.70 -7.84 -13.96
O1 EDO C . 9.94 -6.89 -12.91
C2 EDO C . 8.60 -8.80 -13.53
O2 EDO C . 7.44 -8.03 -13.16
C1 EDO D . -17.46 0.90 -15.37
O1 EDO D . -17.87 0.91 -16.75
C2 EDO D . -17.10 2.32 -14.95
O2 EDO D . -17.07 2.37 -13.52
S DMS E . -6.15 17.16 -0.14
O DMS E . -5.35 18.41 0.03
C1 DMS E . -6.68 17.00 -1.86
C2 DMS E . -5.05 15.74 -0.01
O3 D9D F . 3.12 -7.19 -2.58
C4 D9D F . 4.56 -3.50 -3.13
C5 D9D F . 3.43 -5.50 -4.19
O4 D9D F . -0.99 -10.33 -5.48
C6 D9D F . 3.12 -5.16 -5.70
N1 D9D F . 1.24 -8.80 -4.55
C7 D9D F . 4.14 -5.79 -6.63
C8 D9D F . 2.37 -7.20 -6.19
C9 D9D F . 2.42 -7.84 -4.78
O5 D9D F . 3.14 -0.86 -7.42
C10 D9D F . 2.48 -6.67 -3.74
C11 D9D F . -0.07 -8.17 -4.90
C12 D9D F . -1.19 -9.17 -4.71
C13 D9D F . 0.21 -10.98 -5.07
C14 D9D F . 1.42 -10.08 -5.29
C15 D9D F . 4.51 -0.67 -7.12
C2 D9D F . 5.03 -1.77 -6.24
C1 D9D F . 6.06 -2.62 -6.38
O D9D F . 4.38 -2.00 -5.05
C3 D9D F . 5.06 -3.03 -4.43
C D9D F . 6.07 -3.43 -5.21
N D9D F . 3.30 -4.30 -3.31
O1 D9D F . 3.67 -7.15 -6.77
O2 D9D F . 1.93 -5.86 -6.10
C4 D9D G . -0.14 -1.62 -10.42
O5 D9D G . -4.13 -2.21 -13.36
C15 D9D G . -4.32 -3.20 -12.37
C2 D9D G . -3.14 -3.31 -11.47
C1 D9D G . -2.72 -4.26 -10.62
O D9D G . -2.23 -2.28 -11.48
C3 D9D G . -1.24 -2.61 -10.59
C D9D G . -1.50 -3.81 -10.06
N D9D G . 1.02 -1.97 -11.31
C ACT H . 2.85 11.74 -10.46
O ACT H . 2.64 11.04 -11.47
OXT ACT H . 3.98 12.24 -10.36
CH3 ACT H . 1.79 11.97 -9.41
#